data_8K15
#
_entry.id   8K15
#
_cell.length_a   1.00
_cell.length_b   1.00
_cell.length_c   1.00
_cell.angle_alpha   90.00
_cell.angle_beta   90.00
_cell.angle_gamma   90.00
#
_symmetry.space_group_name_H-M   'P 1'
#
loop_
_entity.id
_entity.type
_entity.pdbx_description
1 polymer 'RNA (470-MER)'
2 non-polymer 'MAGNESIUM ION'
#
_entity_poly.entity_id   1
_entity_poly.type   'polyribonucleotide'
_entity_poly.pdbx_seq_one_letter_code
;GUACGACGGGCAUGUCGUACAUCUGAGGUGCAAGUCCUCUGUGGACACCUGCUACCGGUGAACCCAAUAGCGACUCCCAA
GCCUGACUAUCGCGAGGUAACGGGGAGAGGAAGGGAUAGCGAAAUCGUGGCUCUACGAACAGAAACGUGAUAUUAAGGCG
UAUAUAGUGGAUGAGGGGGCUAGGCACUCUAAAGUCCAAAAAGGUAGUCGUAAUCUAUGUGCGUAAAUCACGAGAGUAAA
CGAGGAAAGAUGUACGACUUAUCCCGUGAGGUCUCAUGAGCGUCAAGUAGACGUAGUAAUAACGAAUCAUGAGAAGUCAG
CCGAGGUCAUAGUAGUGAUGAAGUUUCUGUAAUGGAAACGGAGCGAAGGACCGAACGAUUAAAUGAUACCCUAUCUAACU
GAUUUUGUCUGCCCUAACACCUGGUCUGAAAUGACGGUACUCGCAGAACGUAUGCUGAAAGAGGCUGCUCACAAAUAUAG
GACGGCACAAGCGGAACGAAAUCAUAUAUAGGUAGGUGUGGGAACAAAAAAAGUGUUCUCGCCAAAGUUUAGUUGAACCG
CCGUGUGCCGAACGGCACGCACGGUGGUGUGAGAGGGACUAUCAAUUAGUCCCUACUCGAU
;
_entity_poly.pdbx_strand_id   C
#